data_6B5W
#
_entry.id   6B5W
#
_entity_poly.entity_id   1
_entity_poly.type   'polypeptide(L)'
_entity_poly.pdbx_seq_one_letter_code
;GVGFGRPDSILTQEQAKPM
;
_entity_poly.pdbx_strand_id   A
#
# COMPACT_ATOMS: atom_id res chain seq x y z
N GLY A 1 3.20 -0.03 -0.90
CA GLY A 1 2.68 -0.43 -2.19
C GLY A 1 2.68 -1.92 -2.47
N VAL A 2 1.96 -2.73 -1.69
CA VAL A 2 1.99 -4.17 -1.66
C VAL A 2 0.57 -4.70 -1.48
N GLY A 3 -0.06 -5.11 -2.57
CA GLY A 3 -1.48 -5.44 -2.58
C GLY A 3 -2.34 -4.18 -2.52
N PHE A 4 -3.61 -4.31 -2.14
CA PHE A 4 -4.57 -3.23 -2.03
C PHE A 4 -5.10 -3.08 -0.61
N GLY A 5 -5.89 -2.03 -0.33
CA GLY A 5 -6.52 -1.87 0.96
C GLY A 5 -6.44 -0.45 1.52
N ARG A 6 -5.25 0.06 1.81
CA ARG A 6 -4.91 1.36 2.37
C ARG A 6 -3.77 2.00 1.61
N PRO A 7 -3.32 3.25 1.83
CA PRO A 7 -2.15 3.77 1.16
C PRO A 7 -0.85 3.07 1.54
N ASP A 8 0.10 2.99 0.60
CA ASP A 8 1.40 2.38 0.80
C ASP A 8 2.22 3.28 1.71
N SER A 9 2.89 2.71 2.71
CA SER A 9 3.78 3.37 3.63
C SER A 9 5.15 3.73 3.06
N ILE A 10 5.71 2.83 2.26
CA ILE A 10 7.06 2.87 1.72
C ILE A 10 7.13 3.73 0.47
N LEU A 11 6.57 3.23 -0.64
CA LEU A 11 6.70 3.84 -1.95
C LEU A 11 5.38 3.80 -2.70
N THR A 12 5.14 4.86 -3.47
CA THR A 12 3.92 5.21 -4.16
C THR A 12 3.52 4.22 -5.25
N GLN A 13 3.10 3.01 -4.89
CA GLN A 13 1.91 2.41 -5.45
C GLN A 13 0.76 3.14 -4.78
N GLU A 14 -0.42 3.21 -5.42
CA GLU A 14 -1.59 3.83 -4.84
C GLU A 14 -2.02 3.19 -3.53
N GLN A 15 -2.02 1.86 -3.40
CA GLN A 15 -2.50 1.12 -2.25
C GLN A 15 -1.59 -0.02 -1.81
N ALA A 16 -1.86 -0.57 -0.63
CA ALA A 16 -1.19 -1.68 0.05
C ALA A 16 -2.11 -2.34 1.06
N LYS A 17 -1.84 -3.60 1.41
CA LYS A 17 -2.46 -4.35 2.49
C LYS A 17 -2.07 -3.84 3.86
N PRO A 18 -2.87 -4.09 4.90
CA PRO A 18 -2.65 -3.69 6.28
C PRO A 18 -1.45 -4.42 6.87
N MET A 19 -1.00 -4.00 8.05
CA MET A 19 0.24 -4.44 8.63
C MET A 19 0.37 -5.93 8.90
N GLY A 1 3.27 -0.34 -1.11
CA GLY A 1 2.61 -0.77 -2.32
C GLY A 1 2.73 -2.28 -2.52
N VAL A 2 1.96 -3.05 -1.76
CA VAL A 2 1.80 -4.47 -1.89
C VAL A 2 0.37 -4.88 -1.58
N GLY A 3 -0.37 -5.48 -2.51
CA GLY A 3 -1.79 -5.71 -2.34
C GLY A 3 -2.57 -4.41 -2.37
N PHE A 4 -3.82 -4.41 -1.87
CA PHE A 4 -4.66 -3.23 -1.86
C PHE A 4 -5.29 -3.03 -0.49
N GLY A 5 -5.89 -1.86 -0.26
CA GLY A 5 -6.48 -1.41 0.99
C GLY A 5 -6.24 0.06 1.28
N ARG A 6 -5.02 0.38 1.74
CA ARG A 6 -4.59 1.66 2.24
C ARG A 6 -3.41 2.28 1.50
N PRO A 7 -3.16 3.59 1.59
CA PRO A 7 -2.00 4.16 0.95
C PRO A 7 -0.69 3.57 1.45
N ASP A 8 0.09 2.97 0.54
CA ASP A 8 1.31 2.23 0.79
C ASP A 8 2.28 3.10 1.56
N SER A 9 2.63 2.68 2.78
CA SER A 9 3.45 3.41 3.73
C SER A 9 4.88 3.72 3.30
N ILE A 10 5.37 3.16 2.20
CA ILE A 10 6.76 3.21 1.77
C ILE A 10 6.86 3.46 0.26
N LEU A 11 6.34 2.51 -0.52
CA LEU A 11 6.55 2.42 -1.95
C LEU A 11 5.47 3.10 -2.78
N THR A 12 5.80 3.39 -4.04
CA THR A 12 5.06 4.28 -4.91
C THR A 12 3.87 3.62 -5.59
N GLN A 13 2.82 3.35 -4.82
CA GLN A 13 1.52 2.97 -5.33
C GLN A 13 0.39 3.53 -4.49
N GLU A 14 -0.80 3.63 -5.08
CA GLU A 14 -1.99 4.08 -4.40
C GLU A 14 -2.42 3.21 -3.22
N GLN A 15 -2.18 1.91 -3.26
CA GLN A 15 -2.62 1.00 -2.22
C GLN A 15 -1.64 -0.10 -1.85
N ALA A 16 -1.82 -0.58 -0.62
CA ALA A 16 -1.24 -1.77 -0.01
C ALA A 16 -2.19 -2.38 1.02
N LYS A 17 -2.02 -3.66 1.34
CA LYS A 17 -2.73 -4.42 2.35
C LYS A 17 -1.93 -4.47 3.65
N PRO A 18 -2.52 -4.38 4.84
CA PRO A 18 -1.77 -4.42 6.09
C PRO A 18 -0.94 -5.68 6.26
N MET A 19 0.19 -5.56 6.95
CA MET A 19 1.29 -6.50 6.88
C MET A 19 1.70 -7.05 8.24
N GLY A 1 3.07 -1.41 0.90
CA GLY A 1 3.07 -1.67 -0.52
C GLY A 1 3.15 -3.15 -0.85
N VAL A 2 2.02 -3.86 -0.71
CA VAL A 2 1.72 -5.16 -1.30
C VAL A 2 0.23 -5.20 -1.57
N GLY A 3 -0.30 -6.01 -2.49
CA GLY A 3 -1.71 -6.28 -2.64
C GLY A 3 -2.56 -5.03 -2.79
N PHE A 4 -3.73 -5.01 -2.14
CA PHE A 4 -4.64 -3.89 -2.07
C PHE A 4 -5.02 -3.50 -0.65
N GLY A 5 -5.25 -2.20 -0.39
CA GLY A 5 -5.72 -1.75 0.90
C GLY A 5 -5.84 -0.24 1.10
N ARG A 6 -4.70 0.40 1.35
CA ARG A 6 -4.48 1.75 1.81
C ARG A 6 -3.20 2.35 1.21
N PRO A 7 -2.89 3.63 1.38
CA PRO A 7 -1.59 4.16 1.02
C PRO A 7 -0.48 3.51 1.84
N ASP A 8 0.20 2.55 1.21
CA ASP A 8 1.38 1.89 1.72
C ASP A 8 2.61 2.74 1.49
N SER A 9 2.75 3.81 2.28
CA SER A 9 3.55 5.00 2.04
C SER A 9 5.05 4.85 1.77
N ILE A 10 5.58 3.64 1.92
CA ILE A 10 6.96 3.25 1.68
C ILE A 10 7.42 3.67 0.29
N LEU A 11 6.57 3.40 -0.71
CA LEU A 11 6.75 3.73 -2.10
C LEU A 11 5.47 4.31 -2.68
N THR A 12 5.59 5.35 -3.52
CA THR A 12 4.47 6.11 -4.04
C THR A 12 3.70 5.31 -5.08
N GLN A 13 2.84 4.41 -4.59
CA GLN A 13 1.84 3.72 -5.37
C GLN A 13 0.52 3.65 -4.62
N GLU A 14 -0.54 3.32 -5.35
CA GLU A 14 -1.90 3.22 -4.84
C GLU A 14 -2.09 2.04 -3.89
N GLN A 15 -3.08 2.18 -3.02
CA GLN A 15 -3.98 1.22 -2.42
C GLN A 15 -3.37 -0.18 -2.28
N ALA A 16 -2.68 -0.44 -1.18
CA ALA A 16 -1.96 -1.66 -0.85
C ALA A 16 -2.23 -2.05 0.59
N LYS A 17 -2.26 -3.35 0.85
CA LYS A 17 -2.60 -3.99 2.10
C LYS A 17 -1.68 -3.57 3.24
N PRO A 18 -2.15 -3.65 4.48
CA PRO A 18 -1.29 -3.75 5.66
C PRO A 18 -0.36 -4.96 5.59
N MET A 19 0.68 -4.97 6.42
CA MET A 19 1.82 -5.86 6.28
C MET A 19 2.31 -6.37 7.62
N GLY A 1 2.91 -0.35 -0.67
CA GLY A 1 3.84 -1.42 -0.36
C GLY A 1 3.64 -2.67 -1.21
N VAL A 2 2.61 -3.46 -0.93
CA VAL A 2 2.15 -4.60 -1.71
C VAL A 2 0.65 -4.80 -1.50
N GLY A 3 -0.07 -5.36 -2.46
CA GLY A 3 -1.49 -5.60 -2.32
C GLY A 3 -2.34 -4.34 -2.23
N PHE A 4 -3.57 -4.44 -1.73
CA PHE A 4 -4.52 -3.35 -1.65
C PHE A 4 -5.29 -3.26 -0.33
N GLY A 5 -5.91 -2.10 -0.12
CA GLY A 5 -6.31 -1.60 1.18
C GLY A 5 -5.79 -0.19 1.42
N ARG A 6 -5.59 0.24 2.67
CA ARG A 6 -5.08 1.53 3.07
C ARG A 6 -3.77 1.89 2.37
N PRO A 7 -3.46 3.17 2.14
CA PRO A 7 -2.37 3.59 1.27
C PRO A 7 -1.02 3.06 1.70
N ASP A 8 -0.15 2.75 0.72
CA ASP A 8 1.22 2.32 0.94
C ASP A 8 2.03 3.47 1.49
N SER A 9 2.91 3.19 2.45
CA SER A 9 3.83 4.15 3.01
C SER A 9 4.98 4.55 2.09
N ILE A 10 6.00 3.70 1.99
CA ILE A 10 7.22 3.96 1.27
C ILE A 10 7.04 3.86 -0.24
N LEU A 11 6.93 2.65 -0.81
CA LEU A 11 6.68 2.43 -2.22
C LEU A 11 5.37 3.08 -2.61
N THR A 12 5.41 4.06 -3.51
CA THR A 12 4.31 4.92 -3.89
C THR A 12 3.22 4.18 -4.66
N GLN A 13 2.46 3.33 -3.98
CA GLN A 13 1.29 2.63 -4.48
C GLN A 13 0.07 3.25 -3.82
N GLU A 14 -0.97 3.51 -4.63
CA GLU A 14 -2.21 4.13 -4.21
C GLU A 14 -2.90 3.39 -3.06
N GLN A 15 -2.87 2.06 -3.06
CA GLN A 15 -3.43 1.21 -2.04
C GLN A 15 -2.39 0.16 -1.64
N ALA A 16 -2.46 -0.34 -0.40
CA ALA A 16 -1.67 -1.43 0.13
C ALA A 16 -2.45 -2.34 1.06
N LYS A 17 -2.02 -3.60 1.14
CA LYS A 17 -2.50 -4.53 2.13
C LYS A 17 -2.16 -4.04 3.55
N PRO A 18 -3.02 -4.22 4.55
CA PRO A 18 -2.74 -3.82 5.92
C PRO A 18 -1.62 -4.69 6.49
N MET A 19 -0.48 -4.08 6.79
CA MET A 19 0.73 -4.68 7.32
C MET A 19 1.01 -4.17 8.72
N GLY A 1 3.36 -0.26 -0.75
CA GLY A 1 2.90 -0.66 -2.07
C GLY A 1 2.94 -2.16 -2.28
N VAL A 2 2.16 -2.93 -1.52
CA VAL A 2 1.92 -4.36 -1.65
C VAL A 2 0.47 -4.64 -1.28
N GLY A 3 -0.34 -5.04 -2.25
CA GLY A 3 -1.74 -5.40 -2.12
C GLY A 3 -2.73 -4.26 -2.35
N PHE A 4 -3.97 -4.47 -1.90
CA PHE A 4 -5.03 -3.48 -1.96
C PHE A 4 -5.52 -3.07 -0.58
N GLY A 5 -6.08 -1.86 -0.49
CA GLY A 5 -6.44 -1.15 0.72
C GLY A 5 -5.89 0.27 0.80
N ARG A 6 -5.37 0.68 1.95
CA ARG A 6 -4.85 2.00 2.26
C ARG A 6 -3.63 2.34 1.42
N PRO A 7 -3.33 3.61 1.11
CA PRO A 7 -2.18 4.00 0.34
C PRO A 7 -0.86 3.65 1.01
N ASP A 8 0.12 3.35 0.16
CA ASP A 8 1.32 2.64 0.57
C ASP A 8 2.48 3.56 0.90
N SER A 9 2.55 4.03 2.14
CA SER A 9 3.66 4.83 2.64
C SER A 9 5.04 4.25 2.40
N ILE A 10 5.18 2.91 2.36
CA ILE A 10 6.43 2.20 2.23
C ILE A 10 7.02 2.43 0.85
N LEU A 11 6.20 2.72 -0.17
CA LEU A 11 6.57 2.93 -1.56
C LEU A 11 5.90 4.20 -2.04
N THR A 12 5.61 4.32 -3.34
CA THR A 12 4.63 5.27 -3.83
C THR A 12 3.64 4.59 -4.76
N GLN A 13 2.55 4.07 -4.18
CA GLN A 13 1.47 3.37 -4.85
C GLN A 13 0.13 3.81 -4.28
N GLU A 14 -0.94 3.68 -5.07
CA GLU A 14 -2.30 3.96 -4.65
C GLU A 14 -2.75 3.16 -3.42
N GLN A 15 -2.34 1.89 -3.36
CA GLN A 15 -2.79 0.95 -2.36
C GLN A 15 -1.71 0.01 -1.83
N ALA A 16 -1.88 -0.47 -0.60
CA ALA A 16 -1.33 -1.67 0.01
C ALA A 16 -2.29 -2.25 1.02
N LYS A 17 -2.18 -3.56 1.27
CA LYS A 17 -2.70 -4.19 2.46
C LYS A 17 -1.76 -3.86 3.61
N PRO A 18 -2.21 -3.78 4.87
CA PRO A 18 -1.32 -3.73 6.02
C PRO A 18 -0.54 -5.04 6.10
N MET A 19 0.56 -5.06 6.85
CA MET A 19 1.52 -6.15 6.95
C MET A 19 0.92 -7.52 7.21
N GLY A 1 3.28 -0.87 -1.17
CA GLY A 1 2.64 -1.48 -2.32
C GLY A 1 2.55 -2.99 -2.22
N VAL A 2 1.46 -3.50 -1.61
CA VAL A 2 1.12 -4.90 -1.48
C VAL A 2 -0.38 -5.15 -1.44
N GLY A 3 -0.95 -5.50 -2.61
CA GLY A 3 -2.37 -5.66 -2.82
C GLY A 3 -3.12 -4.34 -2.71
N PHE A 4 -4.12 -4.25 -1.84
CA PHE A 4 -4.97 -3.10 -1.62
C PHE A 4 -5.58 -3.03 -0.24
N GLY A 5 -6.07 -1.85 0.18
CA GLY A 5 -6.71 -1.54 1.44
C GLY A 5 -6.56 -0.09 1.85
N ARG A 6 -5.32 0.41 1.84
CA ARG A 6 -4.82 1.73 2.14
C ARG A 6 -3.71 2.10 1.15
N PRO A 7 -3.10 3.28 1.10
CA PRO A 7 -1.99 3.47 0.18
C PRO A 7 -0.73 2.72 0.61
N ASP A 8 0.26 2.54 -0.27
CA ASP A 8 1.54 1.99 0.13
C ASP A 8 2.45 3.01 0.81
N SER A 9 2.50 2.97 2.14
CA SER A 9 3.27 3.86 2.97
C SER A 9 4.78 3.78 2.81
N ILE A 10 5.31 2.71 2.20
CA ILE A 10 6.73 2.52 1.98
C ILE A 10 7.27 3.38 0.85
N LEU A 11 6.52 3.39 -0.26
CA LEU A 11 6.72 4.21 -1.43
C LEU A 11 5.39 4.43 -2.15
N THR A 12 4.90 5.66 -2.19
CA THR A 12 3.62 6.00 -2.78
C THR A 12 3.60 5.73 -4.28
N GLN A 13 2.85 4.71 -4.68
CA GLN A 13 2.45 4.46 -6.06
C GLN A 13 0.96 4.13 -6.04
N GLU A 14 0.60 2.89 -5.72
CA GLU A 14 -0.74 2.34 -5.66
C GLU A 14 -1.04 1.76 -4.28
N GLN A 15 -2.19 1.11 -4.09
CA GLN A 15 -2.62 0.61 -2.81
C GLN A 15 -1.77 -0.50 -2.22
N ALA A 16 -1.97 -0.78 -0.93
CA ALA A 16 -1.35 -1.81 -0.13
C ALA A 16 -2.19 -2.16 1.09
N LYS A 17 -1.70 -3.12 1.88
CA LYS A 17 -2.08 -3.40 3.25
C LYS A 17 -1.01 -2.93 4.24
N PRO A 18 -1.31 -2.93 5.53
CA PRO A 18 -0.30 -2.77 6.57
C PRO A 18 0.49 -4.04 6.80
N MET A 19 1.38 -4.08 7.79
CA MET A 19 2.21 -5.23 8.12
C MET A 19 1.43 -6.45 8.59
N GLY A 1 2.96 -0.43 -0.26
CA GLY A 1 2.77 -0.54 -1.69
C GLY A 1 2.69 -1.97 -2.21
N VAL A 2 2.31 -2.96 -1.40
CA VAL A 2 2.08 -4.33 -1.80
C VAL A 2 0.62 -4.70 -1.57
N GLY A 3 -0.07 -5.28 -2.55
CA GLY A 3 -1.44 -5.70 -2.42
C GLY A 3 -2.44 -4.55 -2.54
N PHE A 4 -3.64 -4.66 -1.97
CA PHE A 4 -4.62 -3.59 -1.96
C PHE A 4 -5.27 -3.39 -0.59
N GLY A 5 -5.95 -2.25 -0.42
CA GLY A 5 -6.29 -1.65 0.86
C GLY A 5 -5.60 -0.29 1.02
N ARG A 6 -5.35 0.14 2.25
CA ARG A 6 -4.79 1.43 2.63
C ARG A 6 -3.56 1.85 1.84
N PRO A 7 -3.37 3.15 1.62
CA PRO A 7 -2.30 3.68 0.80
C PRO A 7 -0.93 3.47 1.44
N ASP A 8 0.14 3.30 0.65
CA ASP A 8 1.37 2.70 1.10
C ASP A 8 2.40 3.70 1.60
N SER A 9 3.37 3.22 2.39
CA SER A 9 4.19 4.04 3.26
C SER A 9 5.56 4.42 2.72
N ILE A 10 6.19 3.57 1.92
CA ILE A 10 7.49 3.80 1.31
C ILE A 10 7.36 3.86 -0.21
N LEU A 11 7.06 2.72 -0.84
CA LEU A 11 6.84 2.59 -2.27
C LEU A 11 5.57 3.34 -2.66
N THR A 12 5.73 4.33 -3.54
CA THR A 12 4.66 5.13 -4.09
C THR A 12 3.50 4.28 -4.60
N GLN A 13 2.36 4.29 -3.91
CA GLN A 13 1.17 3.56 -4.28
C GLN A 13 -0.12 4.14 -3.71
N GLU A 14 -1.22 4.08 -4.47
CA GLU A 14 -2.56 4.30 -3.96
C GLU A 14 -3.06 3.29 -2.94
N GLN A 15 -2.60 2.04 -3.06
CA GLN A 15 -3.10 0.91 -2.29
C GLN A 15 -2.02 -0.10 -1.92
N ALA A 16 -2.25 -0.73 -0.76
CA ALA A 16 -1.52 -1.86 -0.22
C ALA A 16 -2.33 -2.61 0.83
N LYS A 17 -1.98 -3.86 1.17
CA LYS A 17 -2.54 -4.54 2.32
C LYS A 17 -2.29 -3.80 3.63
N PRO A 18 -3.23 -3.86 4.58
CA PRO A 18 -2.88 -3.55 5.96
C PRO A 18 -1.98 -4.66 6.50
N MET A 19 -0.90 -4.26 7.17
CA MET A 19 0.19 -5.13 7.60
C MET A 19 0.74 -4.75 8.97
N GLY A 1 3.59 -0.58 -0.34
CA GLY A 1 2.85 -0.96 -1.52
C GLY A 1 2.96 -2.46 -1.81
N VAL A 2 2.18 -3.33 -1.17
CA VAL A 2 1.89 -4.67 -1.63
C VAL A 2 0.51 -5.12 -1.19
N GLY A 3 -0.24 -5.84 -2.03
CA GLY A 3 -1.66 -6.02 -1.79
C GLY A 3 -2.49 -4.78 -2.12
N PHE A 4 -3.74 -4.74 -1.66
CA PHE A 4 -4.64 -3.61 -1.83
C PHE A 4 -5.39 -3.30 -0.55
N GLY A 5 -5.60 -2.01 -0.26
CA GLY A 5 -6.29 -1.50 0.90
C GLY A 5 -5.96 -0.03 1.10
N ARG A 6 -5.26 0.38 2.17
CA ARG A 6 -4.68 1.68 2.38
C ARG A 6 -3.58 1.99 1.38
N PRO A 7 -3.07 3.23 1.28
CA PRO A 7 -1.82 3.48 0.60
C PRO A 7 -0.62 2.86 1.31
N ASP A 8 0.50 2.68 0.61
CA ASP A 8 1.75 2.15 1.12
C ASP A 8 2.50 3.17 1.96
N SER A 9 3.42 2.75 2.84
CA SER A 9 4.30 3.55 3.65
C SER A 9 5.58 3.99 2.95
N ILE A 10 6.06 3.22 1.98
CA ILE A 10 7.22 3.51 1.18
C ILE A 10 6.82 3.90 -0.25
N LEU A 11 6.53 2.92 -1.10
CA LEU A 11 6.20 3.08 -2.50
C LEU A 11 5.14 4.16 -2.67
N THR A 12 5.26 5.04 -3.67
CA THR A 12 4.26 6.03 -3.99
C THR A 12 3.05 5.37 -4.63
N GLN A 13 2.23 4.68 -3.84
CA GLN A 13 1.20 3.76 -4.30
C GLN A 13 -0.08 3.90 -3.48
N GLU A 14 -1.20 3.60 -4.15
CA GLU A 14 -2.54 3.74 -3.62
C GLU A 14 -2.98 2.51 -2.84
N GLN A 15 -2.32 1.38 -3.04
CA GLN A 15 -2.77 0.06 -2.62
C GLN A 15 -1.69 -0.72 -1.86
N ALA A 16 -1.99 -0.98 -0.58
CA ALA A 16 -1.28 -1.87 0.32
C ALA A 16 -2.26 -2.56 1.25
N LYS A 17 -2.26 -3.88 1.38
CA LYS A 17 -3.11 -4.62 2.28
C LYS A 17 -2.55 -4.48 3.69
N PRO A 18 -3.32 -4.01 4.67
CA PRO A 18 -2.83 -3.72 6.01
C PRO A 18 -2.25 -4.90 6.77
N MET A 19 -1.53 -4.61 7.85
CA MET A 19 -0.72 -5.58 8.59
C MET A 19 -1.10 -5.58 10.08
N GLY A 1 3.30 0.02 -1.28
CA GLY A 1 2.71 -0.21 -2.58
C GLY A 1 2.67 -1.69 -2.95
N VAL A 2 1.75 -2.42 -2.32
CA VAL A 2 1.76 -3.87 -2.24
C VAL A 2 0.34 -4.40 -2.17
N GLY A 3 -0.46 -4.23 -3.21
CA GLY A 3 -1.82 -4.69 -3.39
C GLY A 3 -2.86 -3.90 -2.60
N PHE A 4 -4.15 -4.21 -2.72
CA PHE A 4 -5.24 -3.40 -2.20
C PHE A 4 -5.27 -3.27 -0.68
N GLY A 5 -5.62 -2.09 -0.19
CA GLY A 5 -5.58 -1.70 1.20
C GLY A 5 -5.34 -0.22 1.41
N ARG A 6 -4.59 0.13 2.46
CA ARG A 6 -4.21 1.48 2.82
C ARG A 6 -3.35 2.18 1.78
N PRO A 7 -3.15 3.50 1.78
CA PRO A 7 -2.12 4.12 0.97
C PRO A 7 -0.73 3.61 1.37
N ASP A 8 0.10 3.30 0.36
CA ASP A 8 1.41 2.70 0.59
C ASP A 8 2.47 3.77 0.79
N SER A 9 2.73 4.13 2.05
CA SER A 9 3.67 5.18 2.41
C SER A 9 5.14 4.86 2.10
N ILE A 10 5.48 3.59 2.00
CA ILE A 10 6.84 3.12 1.78
C ILE A 10 7.26 3.21 0.32
N LEU A 11 6.42 2.69 -0.58
CA LEU A 11 6.66 2.57 -2.00
C LEU A 11 5.43 3.09 -2.73
N THR A 12 5.60 4.17 -3.50
CA THR A 12 4.58 5.02 -4.08
C THR A 12 3.45 4.28 -4.79
N GLN A 13 2.34 4.05 -4.08
CA GLN A 13 1.00 3.75 -4.53
C GLN A 13 0.00 4.26 -3.51
N GLU A 14 -1.27 4.36 -3.92
CA GLU A 14 -2.41 4.54 -3.04
C GLU A 14 -2.98 3.25 -2.45
N GLN A 15 -2.27 2.12 -2.62
CA GLN A 15 -2.68 0.80 -2.18
C GLN A 15 -1.53 -0.07 -1.70
N ALA A 16 -1.64 -0.55 -0.45
CA ALA A 16 -0.92 -1.64 0.17
C ALA A 16 -1.81 -2.46 1.10
N LYS A 17 -1.70 -3.78 0.95
CA LYS A 17 -2.25 -4.79 1.83
C LYS A 17 -1.97 -4.45 3.28
N PRO A 18 -2.97 -4.18 4.12
CA PRO A 18 -2.82 -3.58 5.43
C PRO A 18 -2.04 -4.49 6.36
N MET A 19 -0.91 -3.96 6.83
CA MET A 19 0.03 -4.53 7.77
C MET A 19 -0.10 -3.90 9.15
N GLY A 1 2.42 -1.73 0.80
CA GLY A 1 3.22 -1.81 -0.41
C GLY A 1 3.04 -3.03 -1.30
N VAL A 2 2.23 -4.01 -0.91
CA VAL A 2 1.80 -5.16 -1.70
C VAL A 2 0.29 -5.04 -1.91
N GLY A 3 -0.32 -5.86 -2.78
CA GLY A 3 -1.75 -6.10 -2.75
C GLY A 3 -2.57 -4.83 -2.94
N PHE A 4 -3.71 -4.73 -2.24
CA PHE A 4 -4.55 -3.56 -2.20
C PHE A 4 -5.16 -3.30 -0.82
N GLY A 5 -5.60 -2.06 -0.61
CA GLY A 5 -6.31 -1.60 0.56
C GLY A 5 -6.09 -0.12 0.84
N ARG A 6 -4.94 0.24 1.41
CA ARG A 6 -4.54 1.50 2.00
C ARG A 6 -3.17 1.99 1.54
N PRO A 7 -2.73 3.23 1.78
CA PRO A 7 -1.42 3.69 1.34
C PRO A 7 -0.25 3.10 2.11
N ASP A 8 0.57 2.28 1.43
CA ASP A 8 1.90 1.89 1.86
C ASP A 8 2.85 3.08 1.80
N SER A 9 3.21 3.67 2.95
CA SER A 9 3.96 4.90 3.08
C SER A 9 5.33 4.95 2.41
N ILE A 10 5.95 3.81 2.10
CA ILE A 10 7.25 3.68 1.48
C ILE A 10 7.06 3.52 -0.02
N LEU A 11 5.86 3.20 -0.51
CA LEU A 11 5.59 2.79 -1.88
C LEU A 11 4.22 3.25 -2.36
N THR A 12 4.22 4.42 -3.00
CA THR A 12 3.02 5.14 -3.41
C THR A 12 2.10 4.52 -4.44
N GLN A 13 2.20 3.22 -4.72
CA GLN A 13 1.15 2.43 -5.32
C GLN A 13 -0.16 2.57 -4.55
N GLU A 14 -1.10 3.34 -5.13
CA GLU A 14 -2.36 3.62 -4.48
C GLU A 14 -3.21 2.37 -4.36
N GLN A 15 -3.84 2.23 -3.19
CA GLN A 15 -4.34 0.98 -2.63
C GLN A 15 -3.27 -0.10 -2.59
N ALA A 16 -2.64 -0.26 -1.42
CA ALA A 16 -1.73 -1.34 -1.07
C ALA A 16 -2.02 -1.88 0.32
N LYS A 17 -1.12 -2.74 0.82
CA LYS A 17 -1.27 -3.54 2.02
C LYS A 17 0.10 -3.71 2.64
N PRO A 18 0.27 -3.58 3.96
CA PRO A 18 1.52 -3.92 4.62
C PRO A 18 1.82 -5.40 4.46
N MET A 19 3.03 -5.75 4.91
CA MET A 19 3.59 -7.08 4.82
C MET A 19 2.71 -8.18 5.39
N GLY A 1 3.30 -0.40 -0.39
CA GLY A 1 2.80 -0.87 -1.67
C GLY A 1 2.95 -2.37 -1.86
N VAL A 2 1.95 -3.13 -1.40
CA VAL A 2 1.70 -4.54 -1.63
C VAL A 2 0.22 -4.86 -1.47
N GLY A 3 -0.47 -5.26 -2.54
CA GLY A 3 -1.91 -5.41 -2.52
C GLY A 3 -2.60 -4.06 -2.40
N PHE A 4 -3.82 -4.04 -1.84
CA PHE A 4 -4.60 -2.84 -1.71
C PHE A 4 -5.42 -2.72 -0.43
N GLY A 5 -5.94 -1.52 -0.16
CA GLY A 5 -6.72 -1.18 1.02
C GLY A 5 -6.34 0.19 1.54
N ARG A 6 -5.34 0.28 2.42
CA ARG A 6 -4.75 1.53 2.88
C ARG A 6 -3.85 2.10 1.80
N PRO A 7 -3.37 3.35 1.89
CA PRO A 7 -2.22 3.77 1.11
C PRO A 7 -0.93 3.11 1.55
N ASP A 8 0.04 2.92 0.67
CA ASP A 8 1.33 2.36 1.03
C ASP A 8 2.23 3.43 1.62
N SER A 9 2.70 3.23 2.85
CA SER A 9 3.58 4.14 3.55
C SER A 9 4.91 4.45 2.87
N ILE A 10 5.28 3.67 1.84
CA ILE A 10 6.48 3.88 1.05
C ILE A 10 6.03 4.10 -0.38
N LEU A 11 6.66 5.02 -1.12
CA LEU A 11 6.52 5.21 -2.54
C LEU A 11 6.87 3.93 -3.29
N THR A 12 5.85 3.16 -3.67
CA THR A 12 6.02 1.80 -4.15
C THR A 12 4.92 1.44 -5.12
N GLN A 13 3.67 1.33 -4.64
CA GLN A 13 2.43 1.22 -5.38
C GLN A 13 1.34 2.01 -4.65
N GLU A 14 0.25 2.31 -5.36
CA GLU A 14 -0.78 3.24 -4.93
C GLU A 14 -1.41 2.92 -3.58
N GLN A 15 -1.57 1.65 -3.23
CA GLN A 15 -2.16 1.15 -2.00
C GLN A 15 -1.35 0.00 -1.40
N ALA A 16 -1.71 -0.48 -0.22
CA ALA A 16 -1.22 -1.72 0.36
C ALA A 16 -2.31 -2.37 1.19
N LYS A 17 -2.14 -3.67 1.47
CA LYS A 17 -2.85 -4.38 2.50
C LYS A 17 -2.49 -3.88 3.88
N PRO A 18 -3.17 -4.33 4.94
CA PRO A 18 -2.69 -4.33 6.31
C PRO A 18 -1.37 -5.08 6.52
N MET A 19 -0.80 -4.97 7.71
CA MET A 19 0.43 -5.59 8.16
C MET A 19 0.36 -7.11 8.20
N GLY A 1 3.06 -0.97 0.03
CA GLY A 1 3.40 -1.07 -1.37
C GLY A 1 3.01 -2.34 -2.11
N VAL A 2 2.25 -3.25 -1.49
CA VAL A 2 1.73 -4.48 -2.06
C VAL A 2 0.35 -4.79 -1.50
N GLY A 3 -0.58 -5.21 -2.36
CA GLY A 3 -1.96 -5.53 -2.01
C GLY A 3 -2.96 -4.39 -2.13
N PHE A 4 -4.03 -4.37 -1.34
CA PHE A 4 -5.03 -3.32 -1.37
C PHE A 4 -5.63 -2.99 -0.01
N GLY A 5 -6.08 -1.76 0.19
CA GLY A 5 -6.40 -1.16 1.47
C GLY A 5 -6.04 0.32 1.45
N ARG A 6 -5.06 0.70 2.28
CA ARG A 6 -4.42 2.00 2.36
C ARG A 6 -3.55 2.32 1.16
N PRO A 7 -3.20 3.58 0.89
CA PRO A 7 -1.95 3.88 0.20
C PRO A 7 -0.74 3.47 1.02
N ASP A 8 0.26 2.88 0.37
CA ASP A 8 1.40 2.25 1.04
C ASP A 8 2.33 3.28 1.65
N SER A 9 3.22 2.85 2.53
CA SER A 9 4.02 3.77 3.34
C SER A 9 5.17 4.36 2.53
N ILE A 10 6.02 3.47 1.99
CA ILE A 10 7.31 3.84 1.43
C ILE A 10 7.13 4.04 -0.07
N LEU A 11 6.76 2.98 -0.79
CA LEU A 11 6.41 3.02 -2.19
C LEU A 11 5.13 3.82 -2.38
N THR A 12 5.10 4.77 -3.30
CA THR A 12 4.01 5.69 -3.50
C THR A 12 2.70 5.15 -4.06
N GLN A 13 2.45 3.83 -3.92
CA GLN A 13 1.29 3.11 -4.39
C GLN A 13 0.02 3.60 -3.69
N GLU A 14 -1.04 3.88 -4.46
CA GLU A 14 -2.37 4.11 -3.93
C GLU A 14 -2.95 2.92 -3.19
N GLN A 15 -2.42 1.70 -3.30
CA GLN A 15 -2.98 0.49 -2.77
C GLN A 15 -1.94 -0.44 -2.14
N ALA A 16 -2.10 -0.73 -0.85
CA ALA A 16 -1.49 -1.83 -0.12
C ALA A 16 -2.38 -2.42 0.96
N LYS A 17 -2.17 -3.69 1.29
CA LYS A 17 -2.86 -4.34 2.41
C LYS A 17 -2.35 -3.85 3.74
N PRO A 18 -3.17 -3.51 4.73
CA PRO A 18 -2.71 -3.12 6.05
C PRO A 18 -2.21 -4.35 6.81
N MET A 19 -0.93 -4.67 6.65
CA MET A 19 -0.16 -5.74 7.25
C MET A 19 -0.44 -7.13 6.71
N GLY A 1 3.54 -0.46 -1.23
CA GLY A 1 2.51 -1.10 -2.02
C GLY A 1 2.67 -2.62 -2.02
N VAL A 2 1.87 -3.35 -1.23
CA VAL A 2 2.04 -4.76 -0.98
C VAL A 2 0.78 -5.59 -1.16
N GLY A 3 -0.32 -5.00 -1.64
CA GLY A 3 -1.63 -5.59 -1.75
C GLY A 3 -2.66 -4.52 -2.10
N PHE A 4 -3.94 -4.68 -1.79
CA PHE A 4 -4.92 -3.63 -1.94
C PHE A 4 -5.60 -3.19 -0.65
N GLY A 5 -5.99 -1.91 -0.64
CA GLY A 5 -6.48 -1.18 0.51
C GLY A 5 -6.00 0.26 0.63
N ARG A 6 -5.39 0.63 1.75
CA ARG A 6 -4.71 1.88 2.04
C ARG A 6 -3.52 2.16 1.11
N PRO A 7 -2.96 3.36 1.03
CA PRO A 7 -1.81 3.68 0.20
C PRO A 7 -0.55 3.05 0.78
N ASP A 8 0.45 2.82 -0.08
CA ASP A 8 1.65 2.11 0.29
C ASP A 8 2.48 2.86 1.32
N SER A 9 2.99 2.16 2.33
CA SER A 9 3.69 2.70 3.48
C SER A 9 5.00 3.40 3.16
N ILE A 10 5.73 2.97 2.13
CA ILE A 10 7.03 3.51 1.77
C ILE A 10 7.18 3.84 0.29
N LEU A 11 6.27 3.38 -0.58
CA LEU A 11 6.33 3.68 -2.00
C LEU A 11 5.27 4.70 -2.38
N THR A 12 5.43 5.41 -3.49
CA THR A 12 4.48 6.39 -3.98
C THR A 12 3.38 5.69 -4.75
N GLN A 13 2.60 4.88 -4.05
CA GLN A 13 1.56 4.01 -4.60
C GLN A 13 0.31 4.06 -3.74
N GLU A 14 -0.81 3.67 -4.35
CA GLU A 14 -2.13 3.90 -3.80
C GLU A 14 -2.75 2.63 -3.22
N GLN A 15 -2.15 1.45 -3.43
CA GLN A 15 -2.68 0.19 -2.99
C GLN A 15 -1.65 -0.62 -2.20
N ALA A 16 -1.99 -0.87 -0.93
CA ALA A 16 -1.41 -1.83 -0.01
C ALA A 16 -2.45 -2.43 0.91
N LYS A 17 -2.25 -3.67 1.38
CA LYS A 17 -2.97 -4.23 2.51
C LYS A 17 -2.45 -3.63 3.82
N PRO A 18 -3.08 -3.88 4.97
CA PRO A 18 -2.34 -3.90 6.22
C PRO A 18 -1.29 -5.00 6.23
N MET A 19 -0.22 -4.79 6.97
CA MET A 19 0.87 -5.72 7.16
C MET A 19 0.41 -7.03 7.81
N GLY A 1 3.17 -0.30 -0.80
CA GLY A 1 2.56 -0.59 -2.08
C GLY A 1 2.63 -2.06 -2.44
N VAL A 2 1.87 -2.89 -1.71
CA VAL A 2 1.82 -4.34 -1.86
C VAL A 2 0.43 -4.86 -1.51
N GLY A 3 -0.27 -5.45 -2.49
CA GLY A 3 -1.67 -5.79 -2.42
C GLY A 3 -2.59 -4.61 -2.75
N PHE A 4 -3.77 -4.52 -2.12
CA PHE A 4 -4.69 -3.41 -2.23
C PHE A 4 -5.39 -3.18 -0.91
N GLY A 5 -6.08 -2.04 -0.74
CA GLY A 5 -6.77 -1.66 0.48
C GLY A 5 -6.59 -0.21 0.89
N ARG A 6 -5.53 0.10 1.64
CA ARG A 6 -5.21 1.38 2.24
C ARG A 6 -3.85 1.89 1.78
N PRO A 7 -3.39 3.11 2.09
CA PRO A 7 -2.10 3.61 1.69
C PRO A 7 -0.89 2.72 1.93
N ASP A 8 0.15 2.92 1.12
CA ASP A 8 1.46 2.30 1.26
C ASP A 8 2.46 3.33 1.73
N SER A 9 3.20 3.02 2.80
CA SER A 9 4.08 3.97 3.46
C SER A 9 5.30 4.37 2.65
N ILE A 10 6.08 3.40 2.17
CA ILE A 10 7.34 3.64 1.50
C ILE A 10 7.16 3.59 -0.01
N LEU A 11 6.80 2.44 -0.60
CA LEU A 11 6.65 2.30 -2.02
C LEU A 11 5.57 3.20 -2.61
N THR A 12 5.98 4.07 -3.53
CA THR A 12 5.22 5.12 -4.17
C THR A 12 4.23 4.54 -5.17
N GLN A 13 3.14 3.99 -4.65
CA GLN A 13 2.03 3.39 -5.35
C GLN A 13 0.74 3.83 -4.68
N GLU A 14 -0.40 3.49 -5.29
CA GLU A 14 -1.74 3.79 -4.82
C GLU A 14 -2.03 3.22 -3.44
N GLN A 15 -2.12 1.91 -3.26
CA GLN A 15 -2.55 1.22 -2.06
C GLN A 15 -1.66 0.03 -1.75
N ALA A 16 -1.83 -0.56 -0.57
CA ALA A 16 -1.33 -1.82 -0.07
C ALA A 16 -2.40 -2.45 0.82
N LYS A 17 -2.20 -3.71 1.24
CA LYS A 17 -2.89 -4.24 2.39
C LYS A 17 -2.40 -3.51 3.63
N PRO A 18 -3.05 -3.61 4.80
CA PRO A 18 -2.37 -3.32 6.05
C PRO A 18 -1.17 -4.23 6.24
N MET A 19 -0.14 -3.71 6.93
CA MET A 19 1.21 -4.23 6.94
C MET A 19 1.72 -4.49 8.35
N GLY A 1 2.75 0.07 -1.09
CA GLY A 1 3.78 -0.94 -0.92
C GLY A 1 3.46 -2.28 -1.57
N VAL A 2 2.57 -3.07 -0.96
CA VAL A 2 2.12 -4.33 -1.51
C VAL A 2 0.65 -4.56 -1.16
N GLY A 3 -0.16 -5.10 -2.07
CA GLY A 3 -1.56 -5.39 -1.85
C GLY A 3 -2.45 -4.15 -1.91
N PHE A 4 -3.67 -4.29 -1.41
CA PHE A 4 -4.67 -3.24 -1.41
C PHE A 4 -5.52 -3.24 -0.14
N GLY A 5 -6.25 -2.15 0.11
CA GLY A 5 -7.11 -1.88 1.23
C GLY A 5 -6.94 -0.48 1.83
N ARG A 6 -5.75 0.10 1.68
CA ARG A 6 -5.32 1.35 2.26
C ARG A 6 -4.30 2.03 1.37
N PRO A 7 -3.81 3.26 1.61
CA PRO A 7 -2.67 3.81 0.90
C PRO A 7 -1.38 3.13 1.32
N ASP A 8 -0.33 3.20 0.50
CA ASP A 8 1.00 2.72 0.78
C ASP A 8 1.85 3.71 1.56
N SER A 9 2.84 3.24 2.32
CA SER A 9 3.76 4.03 3.13
C SER A 9 5.23 3.80 2.82
N ILE A 10 5.57 2.89 1.90
CA ILE A 10 6.90 2.39 1.61
C ILE A 10 7.23 2.60 0.14
N LEU A 11 6.30 2.33 -0.78
CA LEU A 11 6.40 2.69 -2.18
C LEU A 11 5.36 3.76 -2.56
N THR A 12 5.70 4.52 -3.60
CA THR A 12 4.80 5.48 -4.21
C THR A 12 3.70 4.73 -4.95
N GLN A 13 2.63 4.39 -4.23
CA GLN A 13 1.51 3.62 -4.75
C GLN A 13 0.20 4.13 -4.17
N GLU A 14 -0.92 3.96 -4.90
CA GLU A 14 -2.24 4.26 -4.39
C GLU A 14 -2.84 3.19 -3.49
N GLN A 15 -2.20 2.01 -3.44
CA GLN A 15 -2.67 0.80 -2.79
C GLN A 15 -1.58 0.16 -1.95
N ALA A 16 -1.98 -0.25 -0.74
CA ALA A 16 -1.33 -1.29 0.03
C ALA A 16 -2.35 -2.07 0.85
N LYS A 17 -2.00 -3.27 1.35
CA LYS A 17 -2.56 -3.93 2.50
C LYS A 17 -1.84 -3.51 3.76
N PRO A 18 -2.47 -3.39 4.92
CA PRO A 18 -1.71 -3.24 6.15
C PRO A 18 -0.82 -4.45 6.41
N MET A 19 0.21 -4.28 7.25
CA MET A 19 0.95 -5.34 7.88
C MET A 19 0.12 -6.03 8.96
N GLY A 1 3.01 -0.22 -1.40
CA GLY A 1 2.17 -0.67 -2.50
C GLY A 1 2.08 -2.16 -2.73
N VAL A 2 2.71 -2.98 -1.87
CA VAL A 2 2.43 -4.40 -1.77
C VAL A 2 1.00 -4.66 -1.34
N GLY A 3 0.29 -5.57 -2.00
CA GLY A 3 -1.13 -5.80 -1.84
C GLY A 3 -2.02 -4.59 -2.04
N PHE A 4 -3.26 -4.60 -1.53
CA PHE A 4 -4.17 -3.47 -1.52
C PHE A 4 -4.98 -3.37 -0.24
N GLY A 5 -5.69 -2.26 -0.04
CA GLY A 5 -6.11 -1.69 1.22
C GLY A 5 -5.47 -0.33 1.46
N ARG A 6 -5.33 0.10 2.72
CA ARG A 6 -4.71 1.32 3.20
C ARG A 6 -3.51 1.81 2.39
N PRO A 7 -3.32 3.10 2.10
CA PRO A 7 -2.31 3.56 1.17
C PRO A 7 -0.89 3.09 1.47
N ASP A 8 -0.09 2.87 0.43
CA ASP A 8 1.29 2.43 0.51
C ASP A 8 2.17 3.53 1.10
N SER A 9 3.01 3.12 2.05
CA SER A 9 3.96 3.97 2.74
C SER A 9 5.41 3.55 2.55
N ILE A 10 5.69 2.70 1.55
CA ILE A 10 6.99 2.21 1.13
C ILE A 10 7.23 2.66 -0.31
N LEU A 11 6.40 2.21 -1.24
CA LEU A 11 6.36 2.63 -2.63
C LEU A 11 5.46 3.85 -2.77
N THR A 12 5.51 4.53 -3.91
CA THR A 12 4.50 5.46 -4.38
C THR A 12 3.32 4.70 -4.98
N GLN A 13 2.42 4.25 -4.09
CA GLN A 13 1.17 3.62 -4.44
C GLN A 13 0.04 4.01 -3.50
N GLU A 14 -1.17 4.15 -4.03
CA GLU A 14 -2.32 4.65 -3.31
C GLU A 14 -3.02 3.59 -2.46
N GLN A 15 -2.62 2.32 -2.57
CA GLN A 15 -3.26 1.23 -1.87
C GLN A 15 -2.22 0.17 -1.51
N ALA A 16 -2.27 -0.40 -0.31
CA ALA A 16 -1.39 -1.46 0.16
C ALA A 16 -2.03 -2.35 1.21
N LYS A 17 -1.44 -3.52 1.50
CA LYS A 17 -1.99 -4.47 2.44
C LYS A 17 -2.09 -3.85 3.84
N PRO A 18 -3.21 -4.01 4.56
CA PRO A 18 -3.27 -3.67 5.96
C PRO A 18 -2.36 -4.59 6.76
N MET A 19 -1.71 -4.05 7.80
CA MET A 19 -0.78 -4.74 8.66
C MET A 19 -0.92 -4.29 10.11
N GLY A 1 2.75 -0.23 -0.86
CA GLY A 1 3.59 -1.38 -0.61
C GLY A 1 3.17 -2.62 -1.38
N VAL A 2 2.23 -3.41 -0.84
CA VAL A 2 1.74 -4.64 -1.42
C VAL A 2 0.26 -4.87 -1.13
N GLY A 3 -0.55 -5.30 -2.11
CA GLY A 3 -1.96 -5.53 -1.96
C GLY A 3 -2.84 -4.31 -2.16
N PHE A 4 -4.03 -4.30 -1.55
CA PHE A 4 -4.98 -3.21 -1.68
C PHE A 4 -5.75 -3.01 -0.39
N GLY A 5 -6.48 -1.89 -0.31
CA GLY A 5 -7.44 -1.61 0.73
C GLY A 5 -7.14 -0.45 1.68
N ARG A 6 -5.88 -0.01 1.76
CA ARG A 6 -5.41 1.17 2.46
C ARG A 6 -4.35 1.84 1.59
N PRO A 7 -3.85 3.04 1.87
CA PRO A 7 -2.67 3.55 1.19
C PRO A 7 -1.39 2.79 1.54
N ASP A 8 -0.39 2.73 0.67
CA ASP A 8 0.95 2.29 1.02
C ASP A 8 1.70 3.32 1.86
N SER A 9 2.76 2.91 2.54
CA SER A 9 3.72 3.74 3.26
C SER A 9 5.06 3.95 2.56
N ILE A 10 5.45 3.08 1.61
CA ILE A 10 6.81 2.88 1.16
C ILE A 10 6.82 2.80 -0.36
N LEU A 11 7.54 3.73 -0.99
CA LEU A 11 7.61 4.06 -2.41
C LEU A 11 6.31 4.69 -2.90
N THR A 12 6.43 5.67 -3.81
CA THR A 12 5.32 6.27 -4.52
C THR A 12 4.57 5.26 -5.36
N GLN A 13 3.57 4.62 -4.75
CA GLN A 13 2.74 3.56 -5.27
C GLN A 13 1.27 3.81 -4.95
N GLU A 14 0.30 3.07 -5.47
CA GLU A 14 -1.10 3.10 -5.07
C GLU A 14 -1.32 2.34 -3.78
N GLN A 15 -2.54 1.89 -3.49
CA GLN A 15 -2.96 1.13 -2.32
C GLN A 15 -2.10 -0.07 -1.98
N ALA A 16 -2.21 -0.48 -0.71
CA ALA A 16 -1.57 -1.60 -0.06
C ALA A 16 -2.48 -2.29 0.95
N LYS A 17 -1.95 -3.31 1.61
CA LYS A 17 -2.44 -4.04 2.76
C LYS A 17 -1.29 -4.24 3.74
N PRO A 18 -1.51 -4.34 5.05
CA PRO A 18 -0.47 -4.73 5.98
C PRO A 18 0.06 -6.14 5.74
N MET A 19 1.10 -6.56 6.47
CA MET A 19 1.75 -7.86 6.42
C MET A 19 0.89 -9.07 6.74
N GLY A 1 3.61 -0.38 -0.97
CA GLY A 1 2.84 -0.93 -2.05
C GLY A 1 2.96 -2.44 -2.20
N VAL A 2 2.13 -3.17 -1.45
CA VAL A 2 1.95 -4.60 -1.46
C VAL A 2 0.48 -4.94 -1.23
N GLY A 3 -0.38 -4.88 -2.26
CA GLY A 3 -1.74 -5.37 -2.30
C GLY A 3 -2.80 -4.28 -2.42
N PHE A 4 -3.89 -4.37 -1.65
CA PHE A 4 -4.98 -3.42 -1.69
C PHE A 4 -5.56 -3.24 -0.30
N GLY A 5 -6.09 -2.06 0.04
CA GLY A 5 -6.63 -1.72 1.33
C GLY A 5 -6.40 -0.27 1.75
N ARG A 6 -5.13 0.11 1.89
CA ARG A 6 -4.67 1.44 2.26
C ARG A 6 -3.43 1.86 1.50
N PRO A 7 -3.14 3.15 1.34
CA PRO A 7 -1.96 3.61 0.65
C PRO A 7 -0.68 3.07 1.29
N ASP A 8 0.26 2.61 0.46
CA ASP A 8 1.57 2.13 0.83
C ASP A 8 2.40 3.25 1.44
N SER A 9 3.28 2.95 2.39
CA SER A 9 4.10 3.94 3.08
C SER A 9 5.58 3.87 2.77
N ILE A 10 6.09 2.83 2.10
CA ILE A 10 7.44 2.78 1.59
C ILE A 10 7.60 3.69 0.38
N LEU A 11 6.83 3.41 -0.68
CA LEU A 11 6.78 4.20 -1.90
C LEU A 11 5.35 4.60 -2.24
N THR A 12 5.23 5.48 -3.24
CA THR A 12 3.96 5.99 -3.71
C THR A 12 3.19 4.97 -4.54
N GLN A 13 2.47 4.09 -3.83
CA GLN A 13 1.44 3.21 -4.35
C GLN A 13 0.15 3.45 -3.58
N GLU A 14 -0.93 3.79 -4.29
CA GLU A 14 -2.25 4.03 -3.75
C GLU A 14 -2.80 2.85 -2.97
N GLN A 15 -2.31 1.63 -3.21
CA GLN A 15 -2.92 0.36 -2.82
C GLN A 15 -1.88 -0.54 -2.18
N ALA A 16 -2.10 -0.90 -0.91
CA ALA A 16 -1.40 -1.93 -0.16
C ALA A 16 -2.34 -2.58 0.84
N LYS A 17 -2.07 -3.84 1.23
CA LYS A 17 -2.74 -4.49 2.34
C LYS A 17 -2.42 -3.82 3.67
N PRO A 18 -3.24 -3.98 4.71
CA PRO A 18 -2.77 -4.06 6.08
C PRO A 18 -1.67 -5.11 6.19
N MET A 19 -0.41 -4.68 6.23
CA MET A 19 0.81 -5.46 6.14
C MET A 19 1.92 -4.91 7.02
N GLY A 1 1.62 -1.45 0.94
CA GLY A 1 2.56 -1.67 -0.14
C GLY A 1 2.51 -2.98 -0.89
N VAL A 2 1.45 -3.78 -0.71
CA VAL A 2 1.21 -5.01 -1.43
C VAL A 2 -0.26 -5.21 -1.77
N GLY A 3 -0.63 -5.62 -2.98
CA GLY A 3 -2.00 -5.81 -3.43
C GLY A 3 -2.87 -4.56 -3.42
N PHE A 4 -3.86 -4.46 -2.52
CA PHE A 4 -4.86 -3.42 -2.43
C PHE A 4 -5.11 -2.97 -1.00
N GLY A 5 -5.50 -1.71 -0.79
CA GLY A 5 -5.75 -1.11 0.52
C GLY A 5 -5.45 0.38 0.60
N ARG A 6 -4.97 0.82 1.76
CA ARG A 6 -4.46 2.12 2.18
C ARG A 6 -3.27 2.63 1.38
N PRO A 7 -2.79 3.85 1.65
CA PRO A 7 -1.50 4.34 1.20
C PRO A 7 -0.33 3.74 1.96
N ASP A 8 0.40 2.83 1.31
CA ASP A 8 1.62 2.23 1.81
C ASP A 8 2.76 3.25 1.74
N SER A 9 3.15 3.87 2.85
CA SER A 9 4.03 5.01 2.98
C SER A 9 5.50 4.66 2.82
N ILE A 10 5.84 3.63 2.05
CA ILE A 10 7.15 3.26 1.58
C ILE A 10 7.09 3.12 0.07
N LEU A 11 6.27 2.21 -0.45
CA LEU A 11 5.94 2.08 -1.86
C LEU A 11 4.44 2.30 -2.05
N THR A 12 4.05 3.56 -2.28
CA THR A 12 2.67 3.99 -2.36
C THR A 12 2.06 3.71 -3.73
N GLN A 13 1.87 2.44 -4.04
CA GLN A 13 1.26 1.95 -5.27
C GLN A 13 -0.27 2.07 -5.21
N GLU A 14 -0.70 3.33 -5.17
CA GLU A 14 -2.04 3.83 -4.98
C GLU A 14 -2.80 3.17 -3.84
N GLN A 15 -3.53 2.08 -4.09
CA GLN A 15 -4.22 1.31 -3.08
C GLN A 15 -3.37 0.08 -2.78
N ALA A 16 -2.88 -0.08 -1.54
CA ALA A 16 -2.10 -1.23 -1.15
C ALA A 16 -2.30 -1.64 0.31
N LYS A 17 -2.22 -2.94 0.61
CA LYS A 17 -2.39 -3.58 1.89
C LYS A 17 -1.15 -3.37 2.75
N PRO A 18 -1.30 -3.26 4.08
CA PRO A 18 -0.15 -3.16 4.96
C PRO A 18 0.68 -4.43 4.98
N MET A 19 2.01 -4.27 5.07
CA MET A 19 2.99 -5.32 5.21
C MET A 19 2.84 -6.08 6.53
N GLY A 1 3.84 -0.56 -0.84
CA GLY A 1 3.30 -1.08 -2.08
C GLY A 1 3.41 -2.59 -2.22
N VAL A 2 2.34 -3.31 -1.86
CA VAL A 2 1.93 -4.59 -2.41
C VAL A 2 0.45 -4.82 -2.12
N GLY A 3 -0.26 -5.61 -2.94
CA GLY A 3 -1.63 -6.02 -2.70
C GLY A 3 -2.64 -4.87 -2.79
N PHE A 4 -3.60 -4.82 -1.87
CA PHE A 4 -4.70 -3.89 -1.83
C PHE A 4 -5.06 -3.38 -0.44
N GLY A 5 -5.51 -2.13 -0.34
CA GLY A 5 -5.99 -1.57 0.92
C GLY A 5 -5.81 -0.07 1.03
N ARG A 6 -4.65 0.41 1.49
CA ARG A 6 -4.31 1.76 1.84
C ARG A 6 -3.09 2.26 1.07
N PRO A 7 -2.79 3.56 0.94
CA PRO A 7 -1.63 4.01 0.20
C PRO A 7 -0.35 3.53 0.86
N ASP A 8 0.51 2.83 0.11
CA ASP A 8 1.69 2.14 0.61
C ASP A 8 2.68 3.07 1.31
N SER A 9 2.87 2.88 2.62
CA SER A 9 3.68 3.75 3.45
C SER A 9 5.16 3.82 3.09
N ILE A 10 5.73 2.81 2.44
CA ILE A 10 7.15 2.74 2.13
C ILE A 10 7.39 3.49 0.82
N LEU A 11 6.69 3.11 -0.25
CA LEU A 11 6.77 3.75 -1.54
C LEU A 11 5.36 3.88 -2.11
N THR A 12 4.83 5.10 -2.25
CA THR A 12 3.42 5.39 -2.42
C THR A 12 2.77 4.88 -3.70
N GLN A 13 2.52 3.57 -3.66
CA GLN A 13 1.56 2.87 -4.50
C GLN A 13 0.12 3.12 -4.08
N GLU A 14 -0.81 3.31 -5.02
CA GLU A 14 -2.23 3.36 -4.74
C GLU A 14 -2.77 1.99 -4.36
N GLN A 15 -3.35 1.92 -3.16
CA GLN A 15 -3.98 0.77 -2.55
C GLN A 15 -3.08 -0.45 -2.35
N ALA A 16 -2.63 -0.71 -1.12
CA ALA A 16 -1.74 -1.75 -0.67
C ALA A 16 -2.21 -2.38 0.64
N LYS A 17 -1.96 -3.67 0.80
CA LYS A 17 -2.31 -4.52 1.93
C LYS A 17 -1.61 -4.03 3.18
N PRO A 18 -2.29 -3.52 4.20
CA PRO A 18 -1.64 -3.06 5.41
C PRO A 18 -0.96 -4.20 6.15
N MET A 19 0.09 -3.81 6.90
CA MET A 19 0.86 -4.65 7.78
C MET A 19 0.13 -5.01 9.07
#